data_9FBT
#
_entry.id   9FBT
#
_cell.length_a   59.973
_cell.length_b   78.550
_cell.length_c   55.885
_cell.angle_alpha   90.000
_cell.angle_beta   90.000
_cell.angle_gamma   90.000
#
_symmetry.space_group_name_H-M   'P 21 21 2'
#
loop_
_entity.id
_entity.type
_entity.pdbx_description
1 polymer 'Carbapenem-hydrolyzing beta-lactamase KPC'
2 non-polymer GLYCEROL
3 non-polymer 'SULFATE ION'
4 non-polymer '2-[(3~{R})-1-oxidanyl-3~{H}-2,1-benzoxaborol-3-yl]ethanoic acid'
5 non-polymer [2-[(1~{S})-1,3-bis(oxidanyl)-3-oxidanylidene-propyl]phenyl]-bis(oxidanyl)-$l^{4}-borane
6 non-polymer 'SODIUM ION'
7 water water
#
_entity_poly.entity_id   1
_entity_poly.type   'polypeptide(L)'
_entity_poly.pdbx_seq_one_letter_code
;MGSSHHHHHHSSGLVPRGSHMLTNLVAEPFAKLEQDFGGSIGVYAMDTGSGATVSYRAEERFPLCSSFKGFLAAAVLARS
QQQAGLLDTPIRYGKNALVPWSPISEKYLTTGMTVAELSAAAVQYSDNAAANLLLKELGGPAGLTAFMRSIGDTTFRLDR
WELELNSAIPGDARDTSSPRAVTESLQKLTLGSALAAPQRQQFVDWLKGNTTGNHRIRAAVPADWAVGDKTGTCGVYGTA
NDYAVVWPTGRAPIVLAVYTRAPNKDDKHSEAVIAAAARLALEGLGVNGQ
;
_entity_poly.pdbx_strand_id   A
#
loop_
_chem_comp.id
_chem_comp.type
_chem_comp.name
_chem_comp.formula
A1H1U non-polymer '2-[(3~{R})-1-oxidanyl-3~{H}-2,1-benzoxaborol-3-yl]ethanoic acid' 'C9 H9 B O4'
A1IB7 non-polymer [2-[(1~{S})-1,3-bis(oxidanyl)-3-oxidanylidene-propyl]phenyl]-bis(oxidanyl)-$l^{4}-borane 'C9 H12 B O5'
GOL non-polymer GLYCEROL 'C3 H8 O3'
NA non-polymer 'SODIUM ION' 'Na 1'
SO4 non-polymer 'SULFATE ION' 'O4 S -2'
#
# COMPACT_ATOMS: atom_id res chain seq x y z
N THR A 23 6.72 19.70 11.32
CA THR A 23 7.33 18.39 11.12
C THR A 23 8.18 18.02 12.32
N ASN A 24 7.88 16.87 12.93
CA ASN A 24 8.68 16.36 14.04
C ASN A 24 8.77 17.38 15.18
N LEU A 25 7.65 18.05 15.45
CA LEU A 25 7.59 18.91 16.63
C LEU A 25 7.95 18.14 17.90
N VAL A 26 7.66 16.84 17.93
CA VAL A 26 8.01 15.94 19.02
C VAL A 26 8.80 14.78 18.43
N ALA A 27 10.05 14.67 18.83
CA ALA A 27 10.92 13.61 18.33
C ALA A 27 10.56 12.27 18.98
N GLU A 28 10.69 11.22 18.18
CA GLU A 28 10.39 9.86 18.60
C GLU A 28 11.57 8.95 18.28
N PRO A 29 11.75 7.88 19.04
CA PRO A 29 12.97 7.05 18.94
C PRO A 29 12.95 6.03 17.79
N PHE A 30 12.79 6.54 16.57
CA PHE A 30 12.84 5.66 15.40
C PHE A 30 14.20 5.04 15.21
N ALA A 31 15.28 5.75 15.53
CA ALA A 31 16.61 5.21 15.27
C ALA A 31 16.86 3.96 16.11
N LYS A 32 16.50 4.02 17.39
CA LYS A 32 16.65 2.84 18.23
C LYS A 32 15.80 1.69 17.70
N LEU A 33 14.60 1.99 17.24
CA LEU A 33 13.72 0.95 16.73
C LEU A 33 14.36 0.25 15.53
N GLU A 34 14.91 1.03 14.58
CA GLU A 34 15.45 0.39 13.38
C GLU A 34 16.76 -0.33 13.70
N GLN A 35 17.52 0.18 14.67
CA GLN A 35 18.75 -0.50 15.06
C GLN A 35 18.45 -1.85 15.70
N ASP A 36 17.46 -1.91 16.59
CA ASP A 36 17.05 -3.20 17.15
C ASP A 36 16.55 -4.14 16.06
N PHE A 37 15.87 -3.59 15.06
CA PHE A 37 15.39 -4.40 13.93
C PHE A 37 16.53 -4.89 13.06
N GLY A 38 17.63 -4.15 12.99
CA GLY A 38 18.75 -4.53 12.14
C GLY A 38 18.67 -3.97 10.73
N GLY A 39 17.98 -2.86 10.53
CA GLY A 39 17.84 -2.30 9.21
C GLY A 39 17.40 -0.87 9.24
N SER A 40 16.59 -0.49 8.26
CA SER A 40 16.12 0.88 8.09
C SER A 40 14.60 0.90 8.10
N ILE A 41 14.06 1.91 8.77
N ILE A 41 14.03 1.88 8.79
CA ILE A 41 12.63 2.16 8.81
CA ILE A 41 12.59 2.10 8.78
C ILE A 41 12.36 3.54 8.26
C ILE A 41 12.33 3.51 8.30
N GLY A 42 11.39 3.64 7.37
CA GLY A 42 10.97 4.90 6.82
C GLY A 42 9.52 5.18 7.14
N VAL A 43 9.24 6.37 7.63
CA VAL A 43 7.92 6.73 8.15
C VAL A 43 7.55 8.12 7.68
N TYR A 44 6.36 8.26 7.15
N TYR A 44 6.32 8.29 7.21
CA TYR A 44 5.75 9.56 7.00
CA TYR A 44 5.77 9.63 6.96
C TYR A 44 4.34 9.44 7.52
C TYR A 44 4.29 9.61 7.32
N ALA A 45 3.93 10.41 8.32
CA ALA A 45 2.57 10.45 8.83
C ALA A 45 2.10 11.89 8.78
N MET A 46 0.87 12.09 8.30
N MET A 46 0.87 12.08 8.32
CA MET A 46 0.27 13.41 8.11
CA MET A 46 0.29 13.41 8.14
C MET A 46 -1.03 13.51 8.89
C MET A 46 -1.03 13.50 8.89
N ASP A 47 -1.13 14.53 9.73
CA ASP A 47 -2.41 14.89 10.35
C ASP A 47 -3.11 15.81 9.37
N THR A 48 -4.19 15.32 8.75
CA THR A 48 -4.83 16.10 7.70
C THR A 48 -5.62 17.29 8.22
N GLY A 49 -5.74 17.43 9.54
CA GLY A 49 -6.41 18.58 10.11
C GLY A 49 -5.47 19.76 10.13
N SER A 50 -4.42 19.68 10.94
CA SER A 50 -3.47 20.78 11.09
C SER A 50 -2.39 20.78 10.02
N GLY A 51 -2.17 19.67 9.34
CA GLY A 51 -1.05 19.54 8.43
C GLY A 51 0.25 19.14 9.08
N ALA A 52 0.27 18.91 10.40
CA ALA A 52 1.48 18.46 11.07
C ALA A 52 1.91 17.09 10.57
N THR A 53 3.22 16.86 10.57
CA THR A 53 3.77 15.61 10.09
C THR A 53 4.80 15.03 11.06
N VAL A 54 4.96 13.73 10.95
CA VAL A 54 6.09 12.99 11.52
C VAL A 54 6.83 12.36 10.34
N SER A 55 8.16 12.50 10.34
N SER A 55 8.14 12.57 10.28
CA SER A 55 8.96 12.14 9.17
CA SER A 55 8.93 12.08 9.16
C SER A 55 10.29 11.54 9.61
C SER A 55 10.25 11.51 9.65
N TYR A 56 10.61 10.34 9.13
CA TYR A 56 11.87 9.67 9.48
C TYR A 56 12.28 8.86 8.25
N ARG A 57 13.44 9.20 7.67
CA ARG A 57 13.87 8.59 6.40
C ARG A 57 12.78 8.67 5.33
N ALA A 58 11.99 9.74 5.35
CA ALA A 58 10.75 9.76 4.59
C ALA A 58 10.94 9.95 3.10
N GLU A 59 12.10 10.45 2.66
CA GLU A 59 12.37 10.63 1.25
C GLU A 59 13.33 9.58 0.68
N GLU A 60 13.71 8.59 1.48
CA GLU A 60 14.45 7.45 0.96
C GLU A 60 13.52 6.55 0.18
N ARG A 61 14.08 5.87 -0.81
CA ARG A 61 13.33 4.86 -1.54
C ARG A 61 13.35 3.53 -0.79
N PHE A 62 12.19 2.88 -0.77
CA PHE A 62 12.03 1.54 -0.25
C PHE A 62 11.24 0.73 -1.28
N PRO A 63 11.48 -0.57 -1.38
CA PRO A 63 10.66 -1.39 -2.27
C PRO A 63 9.18 -1.35 -1.89
N LEU A 64 8.34 -1.25 -2.91
CA LEU A 64 6.90 -1.28 -2.71
C LEU A 64 6.41 -2.66 -2.31
N CYS A 65 7.01 -3.71 -2.85
CA CYS A 65 6.45 -5.06 -2.73
C CYS A 65 4.97 -4.99 -3.11
N SER A 66 4.11 -5.75 -2.43
CA SER A 66 2.70 -5.78 -2.83
C SER A 66 1.96 -4.49 -2.57
N SER A 67 2.58 -3.50 -1.89
CA SER A 67 1.84 -2.28 -1.59
C SER A 67 1.45 -1.52 -2.85
N PHE A 68 2.09 -1.80 -4.00
CA PHE A 68 1.65 -1.16 -5.24
C PHE A 68 0.21 -1.55 -5.59
N LYS A 69 -0.29 -2.68 -5.06
CA LYS A 69 -1.62 -3.16 -5.45
C LYS A 69 -2.73 -2.23 -4.98
N GLY A 70 -2.52 -1.47 -3.91
CA GLY A 70 -3.51 -0.46 -3.56
C GLY A 70 -3.62 0.61 -4.63
N PHE A 71 -2.47 1.13 -5.08
CA PHE A 71 -2.48 2.17 -6.10
C PHE A 71 -3.00 1.60 -7.43
N LEU A 72 -2.70 0.33 -7.70
CA LEU A 72 -3.28 -0.35 -8.86
C LEU A 72 -4.81 -0.29 -8.84
N ALA A 73 -5.41 -0.66 -7.70
CA ALA A 73 -6.87 -0.59 -7.59
C ALA A 73 -7.39 0.84 -7.77
N ALA A 74 -6.67 1.83 -7.24
CA ALA A 74 -7.08 3.21 -7.45
C ALA A 74 -7.03 3.59 -8.93
N ALA A 75 -6.00 3.12 -9.64
CA ALA A 75 -5.90 3.42 -11.07
C ALA A 75 -7.04 2.79 -11.84
N VAL A 76 -7.46 1.59 -11.42
CA VAL A 76 -8.62 0.95 -12.05
C VAL A 76 -9.86 1.78 -11.80
N LEU A 77 -10.03 2.26 -10.57
CA LEU A 77 -11.18 3.10 -10.26
C LEU A 77 -11.17 4.38 -11.08
N ALA A 78 -10.00 4.99 -11.23
CA ALA A 78 -9.91 6.19 -12.06
C ALA A 78 -10.37 5.91 -13.48
N ARG A 79 -9.91 4.79 -14.06
N ARG A 79 -9.90 4.79 -14.05
CA ARG A 79 -10.36 4.45 -15.40
CA ARG A 79 -10.35 4.42 -15.39
C ARG A 79 -11.86 4.20 -15.44
C ARG A 79 -11.86 4.22 -15.43
N SER A 80 -12.43 3.63 -14.38
CA SER A 80 -13.86 3.34 -14.37
C SER A 80 -14.70 4.61 -14.42
N GLN A 81 -14.11 5.77 -14.10
CA GLN A 81 -14.84 7.02 -14.23
C GLN A 81 -15.17 7.35 -15.69
N GLN A 82 -14.33 6.91 -16.62
CA GLN A 82 -14.59 7.09 -18.04
C GLN A 82 -15.14 5.83 -18.70
N GLN A 83 -15.24 4.72 -17.96
CA GLN A 83 -15.74 3.44 -18.49
C GLN A 83 -16.74 2.85 -17.49
N ALA A 84 -18.02 3.19 -17.67
CA ALA A 84 -19.03 2.91 -16.66
C ALA A 84 -19.25 1.41 -16.42
N GLY A 85 -18.94 0.58 -17.40
CA GLY A 85 -19.10 -0.86 -17.23
C GLY A 85 -17.83 -1.58 -16.84
N LEU A 86 -16.75 -0.85 -16.54
CA LEU A 86 -15.47 -1.51 -16.35
C LEU A 86 -15.50 -2.42 -15.12
N LEU A 87 -16.00 -1.92 -13.99
CA LEU A 87 -15.89 -2.70 -12.76
C LEU A 87 -16.64 -4.01 -12.84
N ASP A 88 -17.75 -4.05 -13.56
CA ASP A 88 -18.54 -5.26 -13.67
C ASP A 88 -18.17 -6.12 -14.88
N THR A 89 -17.05 -5.82 -15.55
CA THR A 89 -16.64 -6.63 -16.69
C THR A 89 -16.10 -7.97 -16.21
N PRO A 90 -16.64 -9.09 -16.69
N PRO A 90 -16.59 -9.09 -16.75
CA PRO A 90 -16.04 -10.38 -16.37
CA PRO A 90 -16.07 -10.41 -16.33
C PRO A 90 -14.67 -10.50 -17.01
C PRO A 90 -14.79 -10.75 -17.07
N ILE A 91 -13.77 -11.18 -16.30
CA ILE A 91 -12.44 -11.51 -16.80
C ILE A 91 -12.21 -12.99 -16.60
N ARG A 92 -12.02 -13.71 -17.69
N ARG A 92 -12.02 -13.73 -17.70
CA ARG A 92 -11.62 -15.10 -17.61
CA ARG A 92 -11.65 -15.14 -17.66
C ARG A 92 -10.10 -15.18 -17.76
C ARG A 92 -10.15 -15.29 -17.89
N TYR A 93 -9.54 -16.21 -17.16
CA TYR A 93 -8.10 -16.38 -17.19
C TYR A 93 -7.78 -17.87 -17.12
N GLY A 94 -6.63 -18.22 -17.66
CA GLY A 94 -6.18 -19.59 -17.65
C GLY A 94 -5.27 -19.90 -16.48
N LYS A 95 -4.93 -21.17 -16.36
CA LYS A 95 -4.09 -21.60 -15.26
C LYS A 95 -2.73 -20.93 -15.33
N ASN A 96 -2.27 -20.57 -16.54
CA ASN A 96 -0.98 -19.90 -16.68
C ASN A 96 -0.98 -18.50 -16.08
N ALA A 97 -2.14 -17.93 -15.80
CA ALA A 97 -2.22 -16.64 -15.13
C ALA A 97 -2.10 -16.75 -13.62
N LEU A 98 -2.08 -17.97 -13.04
N LEU A 98 -2.29 -17.93 -13.06
CA LEU A 98 -2.19 -18.16 -11.58
CA LEU A 98 -2.08 -18.05 -11.63
C LEU A 98 -0.83 -18.21 -10.89
C LEU A 98 -0.61 -17.78 -11.35
N VAL A 99 -0.32 -17.03 -10.52
N VAL A 99 -0.39 -17.11 -10.22
CA VAL A 99 0.95 -16.83 -9.82
CA VAL A 99 0.94 -16.76 -9.75
C VAL A 99 0.88 -17.39 -8.39
C VAL A 99 0.92 -17.26 -8.32
N PRO A 100 2.00 -17.78 -7.79
CA PRO A 100 1.98 -18.17 -6.37
C PRO A 100 1.38 -17.06 -5.52
N TRP A 101 0.66 -17.46 -4.47
N TRP A 101 0.57 -17.48 -4.53
CA TRP A 101 -0.12 -16.55 -3.62
CA TRP A 101 -0.11 -16.58 -3.60
C TRP A 101 -1.18 -15.80 -4.44
C TRP A 101 -1.23 -15.81 -4.28
N SER A 102 -2.19 -16.57 -4.83
CA SER A 102 -3.38 -16.05 -5.48
C SER A 102 -4.58 -16.69 -4.80
N PRO A 103 -4.82 -16.36 -3.53
CA PRO A 103 -5.77 -17.13 -2.73
C PRO A 103 -7.21 -16.96 -3.18
N ILE A 104 -7.57 -15.83 -3.78
CA ILE A 104 -8.94 -15.63 -4.26
C ILE A 104 -9.07 -16.11 -5.69
N SER A 105 -8.18 -15.66 -6.58
N SER A 105 -8.16 -15.64 -6.56
CA SER A 105 -8.37 -15.98 -7.99
CA SER A 105 -8.24 -15.97 -7.98
C SER A 105 -8.23 -17.48 -8.28
C SER A 105 -8.28 -17.46 -8.22
N GLU A 106 -7.50 -18.22 -7.46
CA GLU A 106 -7.45 -19.67 -7.66
C GLU A 106 -8.81 -20.33 -7.46
N LYS A 107 -9.67 -19.74 -6.63
CA LYS A 107 -10.99 -20.31 -6.39
C LYS A 107 -11.98 -20.00 -7.50
N TYR A 108 -11.62 -19.13 -8.43
CA TYR A 108 -12.50 -18.73 -9.51
C TYR A 108 -11.86 -18.98 -10.86
N LEU A 109 -10.78 -19.78 -10.90
CA LEU A 109 -10.14 -20.13 -12.16
C LEU A 109 -11.14 -20.64 -13.19
N THR A 110 -12.06 -21.50 -12.76
CA THR A 110 -12.99 -22.14 -13.67
C THR A 110 -14.19 -21.29 -14.01
N THR A 111 -14.31 -20.09 -13.39
CA THR A 111 -15.46 -19.23 -13.61
C THR A 111 -15.13 -17.84 -14.12
N GLY A 112 -13.95 -17.33 -13.81
CA GLY A 112 -13.63 -15.92 -14.01
C GLY A 112 -14.12 -15.09 -12.82
N MET A 113 -13.72 -13.82 -12.83
N MET A 113 -13.69 -13.82 -12.81
CA MET A 113 -14.14 -12.84 -11.84
CA MET A 113 -14.03 -12.83 -11.78
C MET A 113 -14.33 -11.52 -12.53
C MET A 113 -14.19 -11.47 -12.46
N THR A 114 -14.96 -10.57 -11.85
CA THR A 114 -15.08 -9.24 -12.42
C THR A 114 -13.85 -8.39 -12.10
N VAL A 115 -13.70 -7.30 -12.85
CA VAL A 115 -12.61 -6.36 -12.57
C VAL A 115 -12.67 -5.87 -11.13
N ALA A 116 -13.87 -5.56 -10.63
CA ALA A 116 -13.98 -5.11 -9.24
C ALA A 116 -13.54 -6.20 -8.28
N GLU A 117 -13.93 -7.46 -8.56
CA GLU A 117 -13.51 -8.56 -7.69
C GLU A 117 -12.00 -8.75 -7.73
N LEU A 118 -11.39 -8.64 -8.91
CA LEU A 118 -9.94 -8.75 -8.98
C LEU A 118 -9.28 -7.62 -8.21
N SER A 119 -9.84 -6.42 -8.30
CA SER A 119 -9.29 -5.28 -7.57
C SER A 119 -9.36 -5.51 -6.08
N ALA A 120 -10.53 -5.94 -5.59
CA ALA A 120 -10.66 -6.21 -4.16
C ALA A 120 -9.72 -7.33 -3.70
N ALA A 121 -9.53 -8.37 -4.54
CA ALA A 121 -8.63 -9.45 -4.14
C ALA A 121 -7.19 -8.98 -4.07
N ALA A 122 -6.78 -8.16 -5.05
CA ALA A 122 -5.44 -7.60 -5.04
C ALA A 122 -5.21 -6.75 -3.78
N VAL A 123 -6.21 -5.93 -3.40
CA VAL A 123 -6.06 -5.07 -2.22
C VAL A 123 -6.13 -5.89 -0.93
N GLN A 124 -7.11 -6.77 -0.83
CA GLN A 124 -7.50 -7.33 0.48
C GLN A 124 -6.82 -8.64 0.81
N TYR A 125 -6.27 -9.31 -0.20
CA TYR A 125 -5.57 -10.58 -0.04
C TYR A 125 -4.21 -10.55 -0.74
N SER A 126 -3.81 -9.41 -1.29
N SER A 126 -3.80 -9.40 -1.26
CA SER A 126 -2.55 -9.31 -2.02
CA SER A 126 -2.55 -9.29 -2.02
C SER A 126 -2.48 -10.31 -3.17
C SER A 126 -2.48 -10.32 -3.16
N ASP A 127 -3.63 -10.63 -3.75
CA ASP A 127 -3.71 -11.68 -4.77
C ASP A 127 -2.85 -11.33 -5.99
N ASN A 128 -1.89 -12.21 -6.29
CA ASN A 128 -0.91 -11.91 -7.34
C ASN A 128 -1.48 -12.09 -8.75
N ALA A 129 -2.23 -13.16 -9.01
CA ALA A 129 -2.81 -13.31 -10.33
C ALA A 129 -3.72 -12.13 -10.63
N ALA A 130 -4.52 -11.71 -9.65
CA ALA A 130 -5.39 -10.57 -9.85
C ALA A 130 -4.59 -9.33 -10.18
N ALA A 131 -3.51 -9.10 -9.43
CA ALA A 131 -2.70 -7.91 -9.66
C ALA A 131 -2.12 -7.91 -11.07
N ASN A 132 -1.60 -9.05 -11.54
CA ASN A 132 -0.99 -9.07 -12.89
C ASN A 132 -2.04 -8.90 -13.97
N LEU A 133 -3.25 -9.46 -13.77
CA LEU A 133 -4.33 -9.24 -14.73
C LEU A 133 -4.70 -7.77 -14.81
N LEU A 134 -4.79 -7.09 -13.67
CA LEU A 134 -5.16 -5.68 -13.70
C LEU A 134 -4.03 -4.81 -14.26
N LEU A 135 -2.79 -5.15 -13.92
CA LEU A 135 -1.65 -4.47 -14.52
C LEU A 135 -1.72 -4.52 -16.04
N LYS A 136 -2.02 -5.70 -16.61
CA LYS A 136 -2.16 -5.79 -18.06
C LYS A 136 -3.23 -4.85 -18.58
N GLU A 137 -4.36 -4.77 -17.87
N GLU A 137 -4.37 -4.77 -17.88
CA GLU A 137 -5.45 -3.89 -18.29
CA GLU A 137 -5.44 -3.89 -18.33
C GLU A 137 -4.99 -2.45 -18.39
C GLU A 137 -5.01 -2.44 -18.39
N LEU A 138 -4.12 -2.03 -17.49
CA LEU A 138 -3.65 -0.64 -17.42
C LEU A 138 -2.45 -0.34 -18.31
N GLY A 139 -1.94 -1.33 -19.04
CA GLY A 139 -0.76 -1.09 -19.84
C GLY A 139 0.54 -1.37 -19.12
N GLY A 140 0.53 -2.21 -18.10
CA GLY A 140 1.72 -2.68 -17.48
C GLY A 140 2.26 -1.72 -16.45
N PRO A 141 3.45 -2.04 -15.92
CA PRO A 141 4.08 -1.16 -14.93
C PRO A 141 4.16 0.30 -15.35
N ALA A 142 4.48 0.57 -16.61
CA ALA A 142 4.52 1.95 -17.05
C ALA A 142 3.15 2.61 -17.00
N GLY A 143 2.07 1.84 -17.25
CA GLY A 143 0.74 2.43 -17.16
C GLY A 143 0.36 2.81 -15.73
N LEU A 144 0.71 1.96 -14.76
CA LEU A 144 0.46 2.35 -13.38
C LEU A 144 1.32 3.55 -12.98
N THR A 145 2.58 3.55 -13.41
CA THR A 145 3.44 4.70 -13.12
C THR A 145 2.83 5.97 -13.71
N ALA A 146 2.31 5.91 -14.93
CA ALA A 146 1.68 7.08 -15.54
C ALA A 146 0.48 7.56 -14.73
N PHE A 147 -0.32 6.64 -14.20
CA PHE A 147 -1.42 7.07 -13.35
C PHE A 147 -0.89 7.84 -12.13
N MET A 148 0.14 7.32 -11.48
CA MET A 148 0.71 8.04 -10.34
C MET A 148 1.26 9.40 -10.76
N ARG A 149 1.90 9.50 -11.92
CA ARG A 149 2.34 10.81 -12.38
C ARG A 149 1.15 11.75 -12.54
N SER A 150 0.00 11.23 -13.00
CA SER A 150 -1.15 12.06 -13.28
C SER A 150 -1.76 12.66 -12.03
N ILE A 151 -1.47 12.11 -10.85
CA ILE A 151 -1.94 12.69 -9.59
C ILE A 151 -0.84 13.52 -8.92
N GLY A 152 0.29 13.71 -9.60
CA GLY A 152 1.34 14.55 -9.07
C GLY A 152 2.44 13.82 -8.32
N ASP A 153 2.47 12.49 -8.36
CA ASP A 153 3.51 11.72 -7.68
C ASP A 153 4.64 11.49 -8.67
N THR A 154 5.77 12.15 -8.44
CA THR A 154 6.96 12.04 -9.28
C THR A 154 7.98 11.05 -8.74
N THR A 155 7.67 10.38 -7.62
CA THR A 155 8.59 9.47 -6.96
C THR A 155 8.30 8.02 -7.31
N PHE A 156 7.04 7.64 -7.26
CA PHE A 156 6.63 6.25 -7.49
C PHE A 156 7.16 5.73 -8.82
N ARG A 157 7.68 4.51 -8.80
CA ARG A 157 7.92 3.82 -10.06
C ARG A 157 7.63 2.34 -9.91
N LEU A 158 6.85 1.79 -10.84
CA LEU A 158 6.73 0.36 -11.00
C LEU A 158 7.38 0.01 -12.33
N ASP A 159 8.16 -1.07 -12.29
CA ASP A 159 9.03 -1.46 -13.40
C ASP A 159 8.78 -2.89 -13.83
N ARG A 160 8.41 -3.76 -12.91
CA ARG A 160 8.27 -5.18 -13.16
C ARG A 160 6.90 -5.67 -12.70
N TRP A 161 6.65 -6.96 -12.94
CA TRP A 161 5.40 -7.64 -12.61
C TRP A 161 5.60 -8.53 -11.38
N GLU A 162 4.50 -9.08 -10.88
CA GLU A 162 4.64 -10.13 -9.87
C GLU A 162 5.15 -11.40 -10.55
N LEU A 163 6.11 -12.12 -9.94
CA LEU A 163 6.68 -11.90 -8.61
C LEU A 163 8.04 -11.18 -8.66
N GLU A 164 8.53 -10.88 -9.86
CA GLU A 164 9.88 -10.35 -10.00
C GLU A 164 10.08 -9.02 -9.28
N LEU A 165 9.01 -8.23 -9.12
CA LEU A 165 9.15 -6.93 -8.47
C LEU A 165 9.49 -7.03 -6.98
N ASN A 166 9.56 -8.22 -6.40
CA ASN A 166 9.84 -8.36 -4.97
C ASN A 166 11.32 -8.51 -4.65
N SER A 167 12.24 -8.34 -5.62
CA SER A 167 13.64 -8.66 -5.37
C SER A 167 14.29 -7.77 -4.32
N ALA A 168 13.84 -6.52 -4.18
CA ALA A 168 14.23 -5.66 -3.05
C ALA A 168 15.75 -5.50 -2.94
N ILE A 169 16.42 -5.44 -4.08
CA ILE A 169 17.89 -5.41 -4.08
C ILE A 169 18.38 -4.09 -3.50
N PRO A 170 19.34 -4.09 -2.58
CA PRO A 170 19.83 -2.82 -2.03
C PRO A 170 20.37 -1.89 -3.10
N GLY A 171 19.88 -0.66 -3.10
CA GLY A 171 20.30 0.36 -4.05
C GLY A 171 19.51 0.37 -5.35
N ASP A 172 18.66 -0.62 -5.59
CA ASP A 172 17.90 -0.72 -6.83
C ASP A 172 16.64 0.13 -6.70
N ALA A 173 16.48 1.11 -7.57
CA ALA A 173 15.31 1.97 -7.54
C ALA A 173 14.09 1.35 -8.21
N ARG A 174 14.24 0.26 -8.95
CA ARG A 174 13.07 -0.34 -9.57
C ARG A 174 12.02 -0.71 -8.52
N ASP A 175 10.77 -0.44 -8.86
CA ASP A 175 9.64 -0.90 -8.02
C ASP A 175 9.75 -0.36 -6.61
N THR A 176 10.03 0.94 -6.51
CA THR A 176 10.16 1.63 -5.22
C THR A 176 9.33 2.91 -5.21
N SER A 177 9.12 3.40 -4.00
CA SER A 177 8.71 4.78 -3.80
C SER A 177 9.27 5.21 -2.44
N SER A 178 8.86 6.39 -1.98
CA SER A 178 9.28 6.87 -0.68
C SER A 178 8.07 6.87 0.27
N PRO A 179 8.30 6.75 1.56
CA PRO A 179 7.16 6.84 2.50
C PRO A 179 6.39 8.12 2.32
N ARG A 180 7.08 9.23 2.08
CA ARG A 180 6.39 10.49 1.92
C ARG A 180 5.47 10.49 0.70
N ALA A 181 5.99 10.04 -0.44
CA ALA A 181 5.18 10.07 -1.66
C ALA A 181 4.02 9.09 -1.55
N VAL A 182 4.25 7.94 -0.93
CA VAL A 182 3.15 7.00 -0.68
C VAL A 182 2.05 7.67 0.13
N THR A 183 2.41 8.35 1.23
CA THR A 183 1.41 9.00 2.05
C THR A 183 0.71 10.12 1.30
N GLU A 184 1.48 10.95 0.59
CA GLU A 184 0.89 12.05 -0.16
C GLU A 184 -0.09 11.54 -1.21
N SER A 185 0.29 10.48 -1.92
CA SER A 185 -0.62 9.92 -2.93
C SER A 185 -1.83 9.26 -2.29
N LEU A 186 -1.63 8.53 -1.18
CA LEU A 186 -2.75 7.92 -0.48
C LEU A 186 -3.75 8.97 -0.03
N GLN A 187 -3.25 10.09 0.52
N GLN A 187 -3.26 10.10 0.50
N GLN A 187 -3.26 10.09 0.52
CA GLN A 187 -4.14 11.18 0.91
CA GLN A 187 -4.16 11.17 0.92
CA GLN A 187 -4.16 11.17 0.92
C GLN A 187 -4.96 11.67 -0.27
C GLN A 187 -4.96 11.71 -0.26
C GLN A 187 -4.97 11.68 -0.27
N LYS A 188 -4.30 11.94 -1.40
CA LYS A 188 -5.00 12.45 -2.57
C LYS A 188 -6.12 11.52 -3.01
N LEU A 189 -5.88 10.22 -2.96
CA LEU A 189 -6.82 9.23 -3.46
C LEU A 189 -7.94 8.90 -2.48
N THR A 190 -7.68 8.91 -1.17
CA THR A 190 -8.69 8.53 -0.20
C THR A 190 -9.44 9.70 0.40
N LEU A 191 -8.84 10.89 0.44
CA LEU A 191 -9.43 12.04 1.10
C LEU A 191 -9.51 13.26 0.19
N GLY A 192 -8.62 13.35 -0.79
CA GLY A 192 -8.56 14.48 -1.70
C GLY A 192 -9.44 14.29 -2.91
N SER A 193 -9.05 14.93 -4.02
CA SER A 193 -9.89 15.00 -5.20
C SER A 193 -9.38 14.18 -6.38
N ALA A 194 -8.40 13.30 -6.15
CA ALA A 194 -7.83 12.55 -7.27
C ALA A 194 -8.82 11.57 -7.89
N LEU A 195 -9.75 11.04 -7.09
CA LEU A 195 -10.85 10.22 -7.59
C LEU A 195 -12.15 10.97 -7.36
N ALA A 196 -13.13 10.69 -8.21
CA ALA A 196 -14.47 11.19 -7.96
C ALA A 196 -15.03 10.54 -6.70
N ALA A 197 -16.02 11.19 -6.10
CA ALA A 197 -16.45 10.79 -4.76
C ALA A 197 -16.90 9.34 -4.65
N PRO A 198 -17.69 8.79 -5.57
CA PRO A 198 -18.07 7.36 -5.44
C PRO A 198 -16.87 6.45 -5.50
N GLN A 199 -15.95 6.72 -6.43
CA GLN A 199 -14.75 5.92 -6.57
C GLN A 199 -13.83 6.06 -5.37
N ARG A 200 -13.75 7.27 -4.81
N ARG A 200 -13.73 7.27 -4.81
CA ARG A 200 -12.95 7.50 -3.60
CA ARG A 200 -12.93 7.46 -3.60
C ARG A 200 -13.45 6.63 -2.46
C ARG A 200 -13.46 6.59 -2.47
N GLN A 201 -14.78 6.59 -2.25
CA GLN A 201 -15.32 5.79 -1.17
C GLN A 201 -15.14 4.31 -1.44
N GLN A 202 -15.20 3.90 -2.71
CA GLN A 202 -14.94 2.49 -3.01
C GLN A 202 -13.51 2.10 -2.70
N PHE A 203 -12.55 2.97 -3.03
CA PHE A 203 -11.16 2.69 -2.68
C PHE A 203 -10.99 2.57 -1.17
N VAL A 204 -11.57 3.52 -0.42
CA VAL A 204 -11.56 3.44 1.03
C VAL A 204 -12.16 2.11 1.51
N ASP A 205 -13.31 1.74 0.95
CA ASP A 205 -13.96 0.51 1.43
C ASP A 205 -13.12 -0.73 1.14
N TRP A 206 -12.42 -0.76 0.00
CA TRP A 206 -11.54 -1.90 -0.26
C TRP A 206 -10.42 -1.95 0.77
N LEU A 207 -9.80 -0.79 1.04
CA LEU A 207 -8.74 -0.72 2.06
C LEU A 207 -9.26 -1.12 3.44
N LYS A 208 -10.47 -0.68 3.80
CA LYS A 208 -11.03 -1.04 5.10
C LYS A 208 -11.22 -2.53 5.22
N GLY A 209 -11.55 -3.21 4.12
CA GLY A 209 -11.75 -4.64 4.14
C GLY A 209 -10.48 -5.45 4.01
N ASN A 210 -9.30 -4.82 4.04
CA ASN A 210 -8.10 -5.61 3.92
C ASN A 210 -8.02 -6.66 5.04
N THR A 211 -7.53 -7.85 4.69
CA THR A 211 -7.36 -8.94 5.64
C THR A 211 -5.91 -9.21 6.04
N THR A 212 -4.92 -8.57 5.39
CA THR A 212 -3.53 -8.96 5.57
C THR A 212 -2.77 -8.08 6.56
N GLY A 213 -3.41 -7.07 7.15
CA GLY A 213 -2.68 -6.06 7.90
C GLY A 213 -2.94 -6.02 9.40
N ASN A 214 -3.50 -7.08 9.98
CA ASN A 214 -3.92 -7.00 11.38
C ASN A 214 -2.75 -6.82 12.33
N HIS A 215 -1.54 -7.20 11.95
CA HIS A 215 -0.39 -7.11 12.84
C HIS A 215 0.52 -5.94 12.51
N ARG A 216 0.06 -5.02 11.66
CA ARG A 216 0.89 -3.91 11.21
C ARG A 216 0.28 -2.61 11.73
N ILE A 217 -0.01 -1.62 10.89
CA ILE A 217 -0.53 -0.35 11.42
C ILE A 217 -1.77 -0.56 12.27
N ARG A 218 -2.66 -1.46 11.84
CA ARG A 218 -3.88 -1.73 12.59
C ARG A 218 -3.61 -2.10 14.04
N ALA A 219 -2.50 -2.77 14.33
CA ALA A 219 -2.20 -3.15 15.70
C ALA A 219 -1.92 -1.95 16.58
N ALA A 220 -1.63 -0.79 16.00
CA ALA A 220 -1.43 0.45 16.75
C ALA A 220 -2.67 1.32 16.80
N VAL A 221 -3.76 0.90 16.17
CA VAL A 221 -4.95 1.72 16.01
C VAL A 221 -6.04 1.16 16.92
N PRO A 222 -6.60 1.96 17.84
CA PRO A 222 -7.66 1.46 18.70
C PRO A 222 -8.84 0.88 17.93
N ALA A 223 -9.48 -0.10 18.57
CA ALA A 223 -10.56 -0.83 17.92
C ALA A 223 -11.72 0.06 17.53
N ASP A 224 -11.93 1.18 18.22
CA ASP A 224 -13.07 2.03 17.94
C ASP A 224 -12.82 3.10 16.88
N TRP A 225 -11.69 3.03 16.16
CA TRP A 225 -11.40 3.92 15.04
C TRP A 225 -11.50 3.16 13.73
N ALA A 226 -11.99 3.83 12.69
CA ALA A 226 -11.97 3.24 11.36
C ALA A 226 -10.58 3.32 10.75
N VAL A 227 -10.27 2.34 9.90
CA VAL A 227 -8.94 2.24 9.31
C VAL A 227 -9.02 1.38 8.06
N GLY A 228 -8.26 1.80 7.03
CA GLY A 228 -8.00 0.95 5.88
C GLY A 228 -6.51 0.97 5.59
N ASP A 229 -6.02 -0.14 5.05
CA ASP A 229 -4.58 -0.25 4.82
C ASP A 229 -4.29 -1.18 3.63
N LYS A 230 -3.04 -1.10 3.16
CA LYS A 230 -2.50 -2.08 2.21
C LYS A 230 -1.07 -2.44 2.62
N THR A 231 -0.80 -3.73 2.72
CA THR A 231 0.51 -4.23 3.11
C THR A 231 1.38 -4.56 1.89
N GLY A 232 2.67 -4.74 2.18
CA GLY A 232 3.61 -5.31 1.25
C GLY A 232 4.65 -6.12 1.99
N THR A 233 5.04 -7.27 1.41
CA THR A 233 6.04 -8.14 1.98
C THR A 233 6.85 -8.73 0.83
N CYS A 234 8.13 -8.35 0.72
CA CYS A 234 8.95 -8.81 -0.41
C CYS A 234 9.56 -10.19 -0.18
N GLY A 235 9.74 -10.63 1.07
CA GLY A 235 10.27 -11.95 1.35
C GLY A 235 11.78 -12.04 1.43
N VAL A 236 12.48 -10.93 1.20
CA VAL A 236 13.93 -10.86 1.25
C VAL A 236 14.31 -9.50 1.81
N TYR A 237 15.57 -9.39 2.26
CA TYR A 237 16.16 -8.10 2.64
C TYR A 237 15.32 -7.39 3.69
N GLY A 238 14.74 -8.16 4.62
CA GLY A 238 13.95 -7.59 5.69
C GLY A 238 12.95 -6.55 5.23
N THR A 239 12.40 -6.73 4.03
CA THR A 239 11.64 -5.67 3.37
C THR A 239 10.14 -5.95 3.44
N ALA A 240 9.43 -5.06 4.13
CA ALA A 240 7.99 -5.16 4.29
C ALA A 240 7.47 -3.79 4.67
N ASN A 241 6.15 -3.60 4.53
CA ASN A 241 5.61 -2.26 4.67
C ASN A 241 4.09 -2.31 4.89
N ASP A 242 3.53 -1.15 5.14
CA ASP A 242 2.10 -0.95 5.26
C ASP A 242 1.85 0.53 5.12
N TYR A 243 0.74 0.90 4.49
CA TYR A 243 0.24 2.26 4.52
C TYR A 243 -1.24 2.25 4.87
N ALA A 244 -1.70 3.33 5.46
CA ALA A 244 -3.06 3.33 5.99
C ALA A 244 -3.64 4.73 6.06
N VAL A 245 -4.95 4.80 5.94
N VAL A 245 -4.96 4.78 6.01
CA VAL A 245 -5.71 5.95 6.39
CA VAL A 245 -5.74 5.97 6.36
C VAL A 245 -6.43 5.54 7.66
C VAL A 245 -6.57 5.63 7.59
N VAL A 246 -6.43 6.44 8.64
CA VAL A 246 -6.97 6.17 9.97
C VAL A 246 -7.88 7.32 10.34
N TRP A 247 -9.07 7.00 10.86
CA TRP A 247 -10.04 8.00 11.31
C TRP A 247 -10.18 7.93 12.82
N PRO A 248 -9.33 8.60 13.59
CA PRO A 248 -9.59 8.72 15.04
C PRO A 248 -10.87 9.50 15.25
N THR A 249 -11.64 9.10 16.25
CA THR A 249 -12.90 9.80 16.46
C THR A 249 -12.63 11.22 16.94
N GLY A 250 -13.49 12.13 16.51
CA GLY A 250 -13.43 13.49 17.03
C GLY A 250 -12.35 14.39 16.46
N ARG A 251 -11.56 13.92 15.49
CA ARG A 251 -10.54 14.76 14.87
C ARG A 251 -10.35 14.32 13.42
N ALA A 252 -9.51 15.04 12.70
CA ALA A 252 -9.32 14.76 11.28
C ALA A 252 -8.54 13.48 11.07
N PRO A 253 -8.71 12.84 9.92
CA PRO A 253 -7.99 11.59 9.68
C PRO A 253 -6.47 11.78 9.54
N ILE A 254 -5.77 10.69 9.78
CA ILE A 254 -4.33 10.59 9.69
C ILE A 254 -4.01 9.66 8.52
N VAL A 255 -3.04 10.05 7.70
N VAL A 255 -3.02 10.04 7.71
CA VAL A 255 -2.52 9.20 6.63
CA VAL A 255 -2.52 9.19 6.64
C VAL A 255 -1.08 8.88 6.97
C VAL A 255 -1.06 8.89 6.96
N LEU A 256 -0.69 7.61 6.87
CA LEU A 256 0.69 7.26 7.21
C LEU A 256 1.19 6.07 6.40
N ALA A 257 2.52 6.02 6.27
CA ALA A 257 3.22 4.96 5.59
C ALA A 257 4.43 4.54 6.43
N VAL A 258 4.63 3.23 6.54
CA VAL A 258 5.75 2.64 7.27
C VAL A 258 6.38 1.59 6.38
N TYR A 259 7.65 1.79 6.00
CA TYR A 259 8.39 0.89 5.12
C TYR A 259 9.67 0.43 5.82
N THR A 260 10.06 -0.81 5.57
CA THR A 260 11.31 -1.32 6.13
C THR A 260 12.14 -2.00 5.06
N ARG A 261 13.45 -2.04 5.32
N ARG A 261 13.45 -2.05 5.33
N ARG A 261 13.45 -2.04 5.32
CA ARG A 261 14.37 -2.90 4.58
CA ARG A 261 14.38 -2.86 4.57
CA ARG A 261 14.38 -2.88 4.58
C ARG A 261 15.54 -3.20 5.50
C ARG A 261 15.58 -3.15 5.48
C ARG A 261 15.62 -3.09 5.44
N ALA A 262 16.48 -4.01 5.02
CA ALA A 262 17.60 -4.44 5.81
C ALA A 262 18.69 -4.88 4.85
N PRO A 263 19.94 -4.92 5.30
CA PRO A 263 21.05 -5.04 4.34
C PRO A 263 21.28 -6.42 3.75
N ASN A 264 20.89 -7.49 4.46
CA ASN A 264 21.20 -8.85 4.03
C ASN A 264 20.00 -9.55 3.43
N LYS A 265 20.24 -10.35 2.41
CA LYS A 265 19.14 -10.96 1.70
C LYS A 265 18.29 -11.83 2.63
N ASP A 266 18.91 -12.53 3.56
N ASP A 266 18.93 -12.51 3.57
CA ASP A 266 18.15 -13.40 4.46
CA ASP A 266 18.26 -13.41 4.49
C ASP A 266 17.72 -12.72 5.74
C ASP A 266 17.63 -12.71 5.70
N ASP A 267 17.83 -11.40 5.86
CA ASP A 267 17.27 -10.70 7.00
C ASP A 267 15.75 -10.83 7.00
N LYS A 268 15.18 -11.09 8.16
CA LYS A 268 13.74 -11.29 8.27
C LYS A 268 13.01 -9.96 8.43
N HIS A 269 11.85 -9.86 7.83
CA HIS A 269 10.98 -8.72 8.13
C HIS A 269 10.33 -8.92 9.50
N SER A 270 9.76 -7.83 10.02
CA SER A 270 9.06 -7.85 11.31
C SER A 270 7.76 -7.08 11.22
N GLU A 271 6.65 -7.75 11.50
CA GLU A 271 5.40 -7.02 11.61
C GLU A 271 5.37 -6.15 12.86
N ALA A 272 5.96 -6.65 13.95
CA ALA A 272 5.94 -5.91 15.20
C ALA A 272 6.65 -4.56 15.06
N VAL A 273 7.73 -4.52 14.29
N VAL A 273 7.74 -4.51 14.28
CA VAL A 273 8.47 -3.28 14.08
CA VAL A 273 8.44 -3.24 14.11
C VAL A 273 7.59 -2.26 13.35
C VAL A 273 7.57 -2.24 13.35
N ILE A 274 6.80 -2.73 12.37
CA ILE A 274 5.91 -1.82 11.65
C ILE A 274 4.84 -1.26 12.59
N ALA A 275 4.20 -2.12 13.39
CA ALA A 275 3.24 -1.65 14.40
C ALA A 275 3.88 -0.65 15.35
N ALA A 276 5.10 -0.95 15.81
CA ALA A 276 5.75 -0.07 16.77
C ALA A 276 6.05 1.28 16.15
N ALA A 277 6.46 1.30 14.89
CA ALA A 277 6.73 2.56 14.22
C ALA A 277 5.44 3.36 14.05
N ALA A 278 4.34 2.69 13.73
CA ALA A 278 3.06 3.36 13.64
C ALA A 278 2.66 3.98 14.97
N ARG A 279 2.90 3.26 16.08
N ARG A 279 2.87 3.26 16.08
CA ARG A 279 2.60 3.82 17.39
CA ARG A 279 2.60 3.83 17.38
C ARG A 279 3.42 5.07 17.65
C ARG A 279 3.42 5.10 17.60
N LEU A 280 4.71 5.04 17.30
CA LEU A 280 5.56 6.22 17.47
C LEU A 280 5.06 7.38 16.62
N ALA A 281 4.59 7.10 15.40
CA ALA A 281 4.11 8.16 14.54
C ALA A 281 2.89 8.84 15.15
N LEU A 282 1.94 8.05 15.63
CA LEU A 282 0.76 8.63 16.26
C LEU A 282 1.15 9.44 17.49
N GLU A 283 2.08 8.92 18.30
CA GLU A 283 2.55 9.67 19.45
C GLU A 283 3.19 10.99 19.02
N GLY A 284 4.00 10.96 17.96
CA GLY A 284 4.64 12.18 17.50
C GLY A 284 3.65 13.22 17.05
N LEU A 285 2.51 12.79 16.50
CA LEU A 285 1.43 13.69 16.10
C LEU A 285 0.53 14.12 17.26
N GLY A 286 0.71 13.60 18.45
CA GLY A 286 -0.16 13.95 19.56
C GLY A 286 -1.54 13.36 19.45
N VAL A 287 -1.69 12.29 18.69
CA VAL A 287 -2.96 11.59 18.53
C VAL A 287 -3.03 10.54 19.64
N ASN A 288 -3.91 10.75 20.61
CA ASN A 288 -4.02 9.81 21.71
C ASN A 288 -4.59 8.48 21.21
N GLY A 289 -3.87 7.39 21.45
CA GLY A 289 -4.30 6.08 21.00
C GLY A 289 -4.16 5.03 22.06
C1 GOL B . -14.72 7.10 7.11
C1 GOL B . -14.72 7.20 7.02
O1 GOL B . -14.61 5.93 7.87
O1 GOL B . -14.56 6.13 7.89
C2 GOL B . -14.52 6.71 5.63
C2 GOL B . -14.67 6.61 5.59
O2 GOL B . -15.42 5.74 5.20
O2 GOL B . -15.71 5.74 5.35
C3 GOL B . -14.66 8.03 4.82
C3 GOL B . -14.68 7.83 4.63
O3 GOL B . -14.24 7.74 3.48
O3 GOL B . -15.97 8.33 4.62
H11 GOL B . -14.05 7.77 7.36
H11 GOL B . -14.03 7.87 7.11
H12 GOL B . -15.58 7.54 7.22
H12 GOL B . -15.56 7.67 7.13
HO1 GOL B . -14.13 6.11 8.56
HO1 GOL B . -13.76 5.86 7.80
H2 GOL B . -13.63 6.33 5.50
H2 GOL B . -13.85 6.09 5.47
HO2 GOL B . -16.16 6.12 5.00
HO2 GOL B . -16.32 6.16 4.94
H31 GOL B . -14.13 8.72 5.25
H31 GOL B . -14.37 7.54 3.75
H32 GOL B . -15.59 8.33 4.87
H32 GOL B . -14.02 8.47 4.93
HO3 GOL B . -14.84 8.05 2.97
S SO4 C . 6.79 -10.63 13.60
O1 SO4 C . 6.36 -9.41 14.29
O2 SO4 C . 8.08 -10.99 14.16
O3 SO4 C . 5.83 -11.71 13.84
O4 SO4 C . 6.92 -10.42 12.15
S SO4 D . 22.27 7.13 7.96
O1 SO4 D . 21.81 7.00 9.34
O2 SO4 D . 23.63 7.67 7.96
O3 SO4 D . 22.26 5.81 7.34
O4 SO4 D . 21.37 8.03 7.25
B2 A1H1U E . 3.09 -9.06 -1.78
C10 A1H1U E . 2.62 -12.62 -0.83
C11 A1H1U E . 3.39 -13.38 -1.71
C12 A1H1U E . 4.13 -12.74 -2.70
C13 A1H1U E . 4.12 -11.37 -2.81
C14 A1H1U E . 3.35 -10.59 -1.93
C4 A1H1U E . 1.84 -10.28 -0.09
C5 A1H1U E . 2.14 -10.29 1.40
C6 A1H1U E . 1.60 -9.01 2.08
C9 A1H1U E . 2.61 -11.24 -0.94
O1 A1H1U E . 4.36 -8.50 -1.19
O3 A1H1U E . 2.15 -9.01 -0.65
O7 A1H1U E . 0.83 -8.19 1.44
O8 A1H1U E . 1.94 -8.80 3.24
H10 A1H1U E . 2.10 -13.07 -0.13
H11 A1H1U E . 3.40 -14.35 -1.64
H12 A1H1U E . 4.67 -13.27 -3.33
H13 A1H1U E . 4.64 -10.93 -3.51
H4 A1H1U E . 0.88 -10.45 -0.22
H5A A1H1U E . 3.10 -10.35 1.55
H5B A1H1U E . 1.71 -11.07 1.82
H1 A1H1U E . 4.10 -7.79 -0.81
C2 A1IB7 F . 3.40 -10.47 -2.26
C3 A1IB7 F . 3.92 -11.45 -3.12
C4 A1IB7 F . 3.79 -12.80 -2.83
C5 A1IB7 F . 3.15 -13.21 -1.68
C6 A1IB7 F . 2.60 -12.27 -0.80
C7 A1IB7 F . 2.74 -10.91 -1.08
C8 A1IB7 F . 2.34 -9.86 -0.06
C9 A1IB7 F . 1.93 -10.41 1.29
C10 A1IB7 F . 1.67 -9.20 2.21
B1 A1IB7 F . 3.56 -8.85 -2.53
O11 A1IB7 F . 1.02 -8.17 1.74
O12 A1IB7 F . 2.12 -9.28 3.33
O13 A1IB7 F . 1.40 -8.96 -0.53
O14 A1IB7 F . 4.21 -8.18 -1.29
O15 A1IB7 F . 4.47 -8.59 -3.74
H3 A1IB7 F . 4.39 -11.20 -3.94
H4 A1IB7 F . 4.17 -13.46 -3.44
H5 A1IB7 F . 3.06 -14.15 -1.48
H6 A1IB7 F . 2.15 -12.59 -0.01
H8 A1IB7 F . 3.14 -9.33 0.14
H9B A1IB7 F . 2.64 -10.96 1.68
H9A A1IB7 F . 1.11 -10.95 1.21
H13 A1IB7 F . 1.34 -9.08 -1.38
H14 A1IB7 F . 5.03 -8.41 -1.33
H15 A1IB7 F . 4.08 -8.98 -4.40
S SO4 G . 1.32 -8.93 2.01
O1 SO4 G . 2.02 -8.37 3.15
O2 SO4 G . 0.87 -7.77 1.24
O3 SO4 G . 2.13 -9.82 1.21
O4 SO4 G . 0.10 -9.59 2.45
S SO4 H . -7.23 -1.98 21.12
O1 SO4 H . -7.13 -2.72 22.36
O2 SO4 H . -6.22 -0.91 21.13
O3 SO4 H . -7.07 -2.87 19.96
O4 SO4 H . -8.51 -1.29 21.02
S SO4 I . 20.48 -10.34 -5.40
O1 SO4 I . 19.50 -9.87 -4.41
O2 SO4 I . 21.73 -9.58 -5.29
O3 SO4 I . 20.74 -11.76 -5.17
O4 SO4 I . 19.97 -10.15 -6.74
S SO4 J . -23.53 -4.18 -9.08
O1 SO4 J . -24.36 -3.43 -8.13
O2 SO4 J . -22.76 -3.21 -9.88
O3 SO4 J . -22.60 -5.01 -8.32
O4 SO4 J . -24.38 -5.02 -9.92
S SO4 K . 11.00 -13.48 6.29
O1 SO4 K . 10.37 -12.74 5.20
O2 SO4 K . 10.99 -12.61 7.47
O3 SO4 K . 10.18 -14.65 6.56
O4 SO4 K . 12.36 -13.87 5.94
NA NA L . 18.64 3.48 4.82
#